data_4MA8
#
_entry.id   4MA8
#
_cell.length_a   83.262
_cell.length_b   106.883
_cell.length_c   75.594
_cell.angle_alpha   90.00
_cell.angle_beta   95.32
_cell.angle_gamma   90.00
#
_symmetry.space_group_name_H-M   'C 1 2 1'
#
loop_
_entity.id
_entity.type
_entity.pdbx_description
1 polymer 'Major prion protein'
2 polymer 'POM1 heavy chain'
3 polymer 'POM1 light chain'
4 non-polymer 3-(2-chloro-10H-phenothiazin-10-yl)-N,N-dimethylpropan-1-amine
5 water water
#
loop_
_entity_poly.entity_id
_entity_poly.type
_entity_poly.pdbx_seq_one_letter_code
_entity_poly.pdbx_strand_id
1 'polypeptide(L)'
;AAGAVVGGLGGYMLGSAMSRPMIHFGNDWEDRYYRENMYRYPNQVYYRPVDQYSNQNNFVHDCVNITIKQHTVTTTTKGE
NFTETDVKMMERVVEQMCVTQYQKESQAYYDGRR
;
C
2 'polypeptide(L)'
;QVQLQQSGTELVMPGASVKMSCKASGYTFTDYWMHWVKQRPGQGLEWIGSIDPSDSYTSHNEKFKGKATLTVDESSSTAY
MQLSSLTSEDSAVYFCSRSGYGYYAMEYWGQGTSVTVSSAKTTPPSVYPLAPGGGATNSMVTLGCLVKGYFPEPVTVTWN
SGSLSGGVHTFPAVLQSDLYTLSSSVTVPSSTWPSETVTCNVAHPASSTKVDKKIVPR
;
H
3 'polypeptide(L)'
;DIVLTQSPAILSVSPGERVSFSCRASQNIGTSIHWYQQRTNESPRLIIKYASESISGIPSRFSGSGSGTDFTLSINSVES
EDIADYYCQQSNTWPYTFGGGTKLELKRADAAPTVSIFPPSSEQLTSGGASVVCFLNNFYPKDINVKWKIDGSERQNGVL
NSETDQDSKDSTYSMSSTLTLTKDEYERHNTYTCEATHKTSTSPIVKSFNRNE
;
L
#
loop_
_chem_comp.id
_chem_comp.type
_chem_comp.name
_chem_comp.formula
Z80 non-polymer 3-(2-chloro-10H-phenothiazin-10-yl)-N,N-dimethylpropan-1-amine 'C17 H19 Cl N2 S'
#
# COMPACT_ATOMS: atom_id res chain seq x y z
N GLY A 3 44.28 25.58 -14.31
CA GLY A 3 45.67 25.98 -14.72
C GLY A 3 46.37 24.86 -15.46
N ALA A 4 46.70 25.11 -16.72
CA ALA A 4 47.32 24.11 -17.56
C ALA A 4 46.32 23.01 -17.89
N VAL A 5 45.17 23.43 -18.46
CA VAL A 5 44.12 22.50 -18.81
C VAL A 5 44.51 21.59 -19.97
N VAL A 6 45.01 22.17 -21.05
CA VAL A 6 45.45 21.38 -22.20
C VAL A 6 46.20 20.13 -21.80
N GLY A 7 45.51 18.99 -21.80
CA GLY A 7 46.12 17.71 -21.48
C GLY A 7 46.26 16.92 -22.76
N GLY A 8 46.85 17.56 -23.77
CA GLY A 8 47.00 16.96 -25.09
C GLY A 8 47.97 15.80 -25.09
N LEU A 9 47.58 14.73 -25.78
CA LEU A 9 46.29 14.70 -26.41
C LEU A 9 46.33 15.39 -27.78
N GLY A 10 45.43 15.04 -28.68
CA GLY A 10 44.28 14.16 -28.44
C GLY A 10 42.97 14.93 -28.45
N GLY A 11 43.05 16.24 -28.24
CA GLY A 11 41.87 17.09 -28.25
C GLY A 11 41.21 17.22 -26.89
N TYR A 12 41.66 16.44 -25.92
CA TYR A 12 41.07 16.48 -24.57
C TYR A 12 41.73 17.54 -23.68
N MET A 13 40.97 18.00 -22.69
CA MET A 13 41.39 19.03 -21.74
C MET A 13 41.16 18.51 -20.33
N LEU A 14 41.97 18.98 -19.37
CA LEU A 14 41.88 18.56 -17.99
C LEU A 14 41.31 19.69 -17.12
N GLY A 15 40.17 19.45 -16.51
CA GLY A 15 39.56 20.46 -15.65
C GLY A 15 40.35 20.66 -14.37
N SER A 16 40.09 21.78 -13.70
CA SER A 16 40.70 22.03 -12.41
C SER A 16 40.08 21.11 -11.36
N ALA A 17 40.84 20.85 -10.30
CA ALA A 17 40.41 19.99 -9.20
C ALA A 17 39.22 20.60 -8.49
N MET A 18 38.27 19.75 -8.11
CA MET A 18 37.07 20.20 -7.43
C MET A 18 36.99 19.57 -6.06
N SER A 19 36.44 20.28 -5.09
CA SER A 19 36.24 19.68 -3.77
C SER A 19 35.28 18.51 -3.90
N ARG A 20 35.60 17.44 -3.21
CA ARG A 20 34.77 16.26 -3.21
C ARG A 20 33.47 16.49 -2.41
N PRO A 21 32.31 16.32 -3.05
CA PRO A 21 31.02 16.46 -2.36
C PRO A 21 30.69 15.29 -1.45
N MET A 22 29.91 15.54 -0.40
CA MET A 22 29.35 14.49 0.42
C MET A 22 28.29 13.81 -0.45
N ILE A 23 28.38 12.51 -0.70
CA ILE A 23 27.37 11.84 -1.50
C ILE A 23 26.73 10.69 -0.78
N HIS A 24 25.42 10.63 -0.81
CA HIS A 24 24.69 9.52 -0.19
C HIS A 24 24.12 8.60 -1.25
N PHE A 25 24.41 7.32 -1.09
CA PHE A 25 24.07 6.29 -2.06
C PHE A 25 22.82 5.47 -1.74
N GLY A 26 22.15 5.76 -0.63
CA GLY A 26 20.82 5.19 -0.41
C GLY A 26 20.74 3.95 0.43
N ASN A 27 21.88 3.40 0.86
CA ASN A 27 21.86 2.33 1.83
C ASN A 27 23.09 2.36 2.70
N ASP A 28 23.05 1.59 3.78
CA ASP A 28 24.06 1.67 4.81
C ASP A 28 25.42 1.22 4.31
N TRP A 29 25.44 0.11 3.58
CA TRP A 29 26.70 -0.46 3.14
C TRP A 29 27.42 0.43 2.13
N GLU A 30 26.69 0.91 1.14
CA GLU A 30 27.30 1.79 0.11
C GLU A 30 27.75 3.15 0.67
N ASP A 31 27.02 3.70 1.63
CA ASP A 31 27.43 5.00 2.16
C ASP A 31 28.81 4.85 2.80
N ARG A 32 28.94 3.79 3.60
CA ARG A 32 30.22 3.49 4.25
C ARG A 32 31.31 3.19 3.22
N TYR A 33 31.01 2.32 2.27
CA TYR A 33 31.97 1.99 1.23
C TYR A 33 32.46 3.25 0.54
N TYR A 34 31.50 4.10 0.14
CA TYR A 34 31.88 5.33 -0.54
C TYR A 34 32.80 6.23 0.29
N ARG A 35 32.40 6.50 1.53
CA ARG A 35 33.19 7.34 2.43
C ARG A 35 34.63 6.85 2.51
N GLU A 36 34.79 5.53 2.54
CA GLU A 36 36.10 4.95 2.70
C GLU A 36 36.92 4.96 1.39
N ASN A 37 36.24 4.76 0.26
CA ASN A 37 36.92 4.57 -1.02
C ASN A 37 36.96 5.76 -1.97
N MET A 38 36.31 6.86 -1.61
CA MET A 38 36.12 7.95 -2.54
C MET A 38 37.45 8.63 -2.94
N TYR A 39 38.50 8.46 -2.16
CA TYR A 39 39.80 9.01 -2.50
C TYR A 39 40.40 8.34 -3.76
N ARG A 40 39.88 7.16 -4.09
CA ARG A 40 40.36 6.37 -5.23
C ARG A 40 39.79 6.84 -6.58
N TYR A 41 38.87 7.79 -6.54
CA TYR A 41 38.14 8.25 -7.71
C TYR A 41 38.62 9.65 -8.09
N PRO A 42 38.40 10.06 -9.35
CA PRO A 42 38.92 11.33 -9.85
C PRO A 42 38.39 12.53 -9.08
N ASN A 43 39.19 13.58 -8.95
CA ASN A 43 38.67 14.86 -8.48
C ASN A 43 38.79 15.94 -9.54
N GLN A 44 39.09 15.52 -10.77
CA GLN A 44 39.00 16.41 -11.95
C GLN A 44 38.63 15.57 -13.17
N VAL A 45 38.11 16.24 -14.20
CA VAL A 45 37.60 15.51 -15.35
C VAL A 45 38.35 15.87 -16.63
N TYR A 46 38.39 14.93 -17.57
CA TYR A 46 38.86 15.18 -18.93
C TYR A 46 37.67 15.39 -19.82
N TYR A 47 37.75 16.32 -20.74
CA TYR A 47 36.65 16.62 -21.64
C TYR A 47 37.17 17.22 -22.95
N ARG A 48 36.35 17.21 -24.00
CA ARG A 48 36.65 17.98 -25.20
C ARG A 48 35.97 19.34 -25.07
N PRO A 49 36.50 20.36 -25.76
CA PRO A 49 35.91 21.70 -25.71
C PRO A 49 34.40 21.66 -25.89
N VAL A 50 33.68 22.45 -25.09
CA VAL A 50 32.21 22.37 -25.08
C VAL A 50 31.57 22.64 -26.42
N ASP A 51 32.21 23.46 -27.25
CA ASP A 51 31.68 23.78 -28.59
C ASP A 51 31.48 22.54 -29.44
N GLN A 52 32.17 21.46 -29.10
CA GLN A 52 32.19 20.25 -29.93
C GLN A 52 31.04 19.30 -29.66
N TYR A 53 30.07 19.73 -28.84
CA TYR A 53 28.96 18.87 -28.40
C TYR A 53 27.61 19.53 -28.68
N SER A 54 26.60 18.70 -28.92
CA SER A 54 25.28 19.22 -29.32
C SER A 54 24.49 19.78 -28.12
N ASN A 55 24.77 19.21 -26.95
CA ASN A 55 24.09 19.60 -25.71
C ASN A 55 24.82 19.11 -24.45
N GLN A 56 24.27 19.41 -23.28
CA GLN A 56 24.87 18.98 -22.03
C GLN A 56 24.97 17.46 -21.89
N ASN A 57 23.89 16.74 -22.15
CA ASN A 57 23.91 15.29 -22.01
C ASN A 57 25.01 14.64 -22.81
N ASN A 58 25.22 15.10 -24.03
CA ASN A 58 26.28 14.57 -24.87
C ASN A 58 27.66 14.84 -24.31
N PHE A 59 27.91 16.08 -23.91
CA PHE A 59 29.17 16.45 -23.28
C PHE A 59 29.43 15.58 -22.05
N VAL A 60 28.43 15.54 -21.17
CA VAL A 60 28.57 14.84 -19.90
C VAL A 60 28.89 13.35 -20.14
N HIS A 61 28.11 12.70 -20.99
CA HIS A 61 28.31 11.27 -21.29
C HIS A 61 29.74 10.98 -21.71
N ASP A 62 30.29 11.82 -22.59
CA ASP A 62 31.64 11.60 -23.07
C ASP A 62 32.66 11.94 -21.98
N CYS A 63 32.46 13.08 -21.32
CA CYS A 63 33.31 13.47 -20.21
C CYS A 63 33.43 12.34 -19.19
N VAL A 64 32.32 11.68 -18.88
CA VAL A 64 32.33 10.60 -17.93
C VAL A 64 33.17 9.42 -18.42
N ASN A 65 32.88 8.94 -19.61
CA ASN A 65 33.63 7.83 -20.20
C ASN A 65 35.13 8.09 -20.36
N ILE A 66 35.48 9.26 -20.86
CA ILE A 66 36.89 9.61 -21.04
C ILE A 66 37.61 9.69 -19.70
N THR A 67 37.02 10.37 -18.73
CA THR A 67 37.62 10.52 -17.42
C THR A 67 37.82 9.16 -16.74
N ILE A 68 36.80 8.31 -16.79
CA ILE A 68 36.91 7.02 -16.13
C ILE A 68 37.94 6.13 -16.82
N LYS A 69 37.94 6.14 -18.15
CA LYS A 69 38.88 5.34 -18.91
C LYS A 69 40.32 5.71 -18.56
N GLN A 70 40.62 7.01 -18.60
CA GLN A 70 41.95 7.49 -18.28
C GLN A 70 42.33 7.21 -16.84
N HIS A 71 41.39 7.37 -15.92
CA HIS A 71 41.71 7.13 -14.52
C HIS A 71 41.97 5.65 -14.32
N THR A 72 41.25 4.83 -15.08
CA THR A 72 41.36 3.40 -14.95
C THR A 72 42.72 2.93 -15.43
N VAL A 73 43.23 3.47 -16.54
CA VAL A 73 44.55 3.02 -16.99
C VAL A 73 45.63 3.42 -16.00
N THR A 74 45.55 4.61 -15.42
CA THR A 74 46.54 5.05 -14.46
C THR A 74 46.43 4.19 -13.20
N THR A 75 45.23 3.76 -12.85
CA THR A 75 45.09 2.96 -11.66
C THR A 75 45.56 1.55 -11.91
N THR A 76 45.30 1.01 -13.10
CA THR A 76 45.80 -0.33 -13.40
C THR A 76 47.34 -0.32 -13.42
N THR A 77 47.93 0.74 -13.95
CA THR A 77 49.40 0.85 -13.94
C THR A 77 49.95 0.72 -12.52
N LYS A 78 49.21 1.21 -11.53
CA LYS A 78 49.65 1.11 -10.13
C LYS A 78 49.29 -0.23 -9.50
N GLY A 79 48.75 -1.13 -10.31
CA GLY A 79 48.43 -2.49 -9.86
C GLY A 79 47.13 -2.61 -9.10
N GLU A 80 46.27 -1.59 -9.21
CA GLU A 80 44.99 -1.56 -8.50
C GLU A 80 43.82 -1.82 -9.45
N ASN A 81 42.69 -2.27 -8.90
CA ASN A 81 41.53 -2.65 -9.72
C ASN A 81 40.22 -2.04 -9.20
N PHE A 82 39.34 -1.66 -10.12
CA PHE A 82 38.01 -1.20 -9.78
C PHE A 82 36.95 -2.27 -9.93
N THR A 83 36.15 -2.48 -8.90
CA THR A 83 35.07 -3.42 -8.96
C THR A 83 33.86 -2.72 -9.58
N GLU A 84 32.78 -3.47 -9.75
CA GLU A 84 31.55 -2.94 -10.32
C GLU A 84 30.94 -1.89 -9.44
N THR A 85 31.10 -2.02 -8.13
CA THR A 85 30.62 -0.98 -7.23
C THR A 85 31.45 0.28 -7.42
N ASP A 86 32.76 0.14 -7.53
CA ASP A 86 33.64 1.29 -7.77
C ASP A 86 33.21 2.04 -9.03
N VAL A 87 32.97 1.31 -10.11
CA VAL A 87 32.61 1.96 -11.35
C VAL A 87 31.23 2.63 -11.28
N LYS A 88 30.25 2.02 -10.62
CA LYS A 88 28.93 2.65 -10.42
C LYS A 88 29.06 3.96 -9.65
N MET A 89 29.87 3.94 -8.58
CA MET A 89 30.04 5.15 -7.75
C MET A 89 30.85 6.22 -8.47
N MET A 90 31.92 5.79 -9.11
CA MET A 90 32.72 6.69 -9.94
C MET A 90 31.89 7.34 -11.00
N GLU A 91 31.05 6.56 -11.66
CA GLU A 91 30.18 7.10 -12.69
C GLU A 91 29.35 8.27 -12.16
N ARG A 92 28.74 8.05 -11.00
CA ARG A 92 27.87 9.08 -10.43
C ARG A 92 28.60 10.36 -10.06
N VAL A 93 29.72 10.25 -9.36
CA VAL A 93 30.43 11.43 -8.91
C VAL A 93 31.14 12.14 -10.06
N VAL A 94 31.66 11.37 -11.02
CA VAL A 94 32.26 12.00 -12.19
C VAL A 94 31.18 12.67 -13.02
N GLU A 95 29.98 12.09 -13.08
CA GLU A 95 28.90 12.77 -13.78
C GLU A 95 28.59 14.11 -13.14
N GLN A 96 28.48 14.15 -11.81
CA GLN A 96 28.31 15.44 -11.12
C GLN A 96 29.40 16.44 -11.51
N MET A 97 30.65 16.01 -11.51
CA MET A 97 31.76 16.94 -11.87
C MET A 97 31.70 17.39 -13.31
N CYS A 98 31.32 16.49 -14.22
CA CYS A 98 31.19 16.86 -15.64
C CYS A 98 30.07 17.86 -15.86
N VAL A 99 28.98 17.71 -15.13
CA VAL A 99 27.87 18.66 -15.21
C VAL A 99 28.38 20.03 -14.76
N THR A 100 29.09 20.09 -13.65
CA THR A 100 29.66 21.36 -13.18
C THR A 100 30.62 21.93 -14.21
N GLN A 101 31.45 21.09 -14.80
CA GLN A 101 32.42 21.53 -15.79
C GLN A 101 31.73 22.12 -17.03
N TYR A 102 30.67 21.45 -17.48
CA TYR A 102 29.90 21.93 -18.63
C TYR A 102 29.32 23.31 -18.35
N GLN A 103 28.67 23.44 -17.19
CA GLN A 103 28.08 24.71 -16.79
C GLN A 103 29.11 25.83 -16.82
N LYS A 104 30.30 25.56 -16.32
CA LYS A 104 31.38 26.55 -16.31
C LYS A 104 31.86 26.80 -17.73
N GLU A 105 32.01 25.72 -18.49
CA GLU A 105 32.46 25.83 -19.87
C GLU A 105 31.41 26.52 -20.75
N SER A 106 30.15 26.14 -20.55
CA SER A 106 29.03 26.75 -21.28
C SER A 106 28.94 28.25 -21.02
N GLN A 107 29.15 28.64 -19.77
CA GLN A 107 29.10 30.05 -19.38
C GLN A 107 30.18 30.84 -20.12
N ALA A 108 31.41 30.33 -20.12
CA ALA A 108 32.48 30.85 -20.98
C ALA A 108 32.02 31.18 -22.41
N TYR A 109 31.24 32.24 -22.52
CA TYR A 109 30.68 32.71 -23.77
C TYR A 109 30.07 34.03 -23.38
N TYR A 110 30.89 35.08 -23.34
CA TYR A 110 30.55 36.32 -22.66
C TYR A 110 30.75 37.56 -23.53
N GLN B 1 7.70 21.56 10.76
CA GLN B 1 7.34 20.14 10.74
C GLN B 1 7.37 19.66 9.29
N VAL B 2 8.01 18.53 9.08
CA VAL B 2 8.05 17.99 7.73
C VAL B 2 6.68 17.44 7.35
N GLN B 3 6.28 17.81 6.15
CA GLN B 3 5.07 17.26 5.54
C GLN B 3 5.38 16.75 4.13
N LEU B 4 4.73 15.65 3.75
CA LEU B 4 4.79 15.09 2.41
C LEU B 4 3.35 14.99 1.90
N GLN B 5 3.05 15.78 0.89
CA GLN B 5 1.66 15.92 0.42
C GLN B 5 1.43 15.11 -0.86
N GLN B 6 0.54 14.12 -0.80
CA GLN B 6 0.17 13.36 -1.98
C GLN B 6 -1.30 13.47 -2.33
N SER B 7 -1.58 13.53 -3.62
CA SER B 7 -2.97 13.52 -4.10
C SER B 7 -3.72 12.26 -3.60
N GLY B 8 -4.97 12.39 -3.21
CA GLY B 8 -5.68 11.28 -2.57
C GLY B 8 -5.97 10.09 -3.49
N THR B 9 -6.46 10.37 -4.68
CA THR B 9 -6.87 9.32 -5.60
C THR B 9 -6.51 9.63 -7.04
N GLU B 10 -6.34 8.59 -7.86
CA GLU B 10 -6.26 8.75 -9.30
C GLU B 10 -7.07 7.63 -9.95
N LEU B 11 -7.93 8.00 -10.87
CA LEU B 11 -8.67 7.03 -11.66
C LEU B 11 -8.05 6.99 -13.07
N VAL B 12 -7.58 5.83 -13.51
CA VAL B 12 -6.82 5.77 -14.74
C VAL B 12 -7.25 4.61 -15.63
N MET B 13 -7.22 4.83 -16.93
CA MET B 13 -7.65 3.80 -17.89
C MET B 13 -6.54 2.76 -18.05
N PRO B 14 -6.92 1.50 -18.22
CA PRO B 14 -5.93 0.48 -18.52
C PRO B 14 -5.18 0.89 -19.76
N GLY B 15 -3.87 0.72 -19.74
CA GLY B 15 -3.01 1.11 -20.86
C GLY B 15 -2.48 2.51 -20.75
N ALA B 16 -3.11 3.34 -19.90
CA ALA B 16 -2.67 4.73 -19.75
C ALA B 16 -1.55 4.83 -18.74
N SER B 17 -1.01 6.03 -18.61
CA SER B 17 0.02 6.32 -17.65
C SER B 17 -0.52 7.28 -16.59
N VAL B 18 0.12 7.33 -15.43
CA VAL B 18 -0.26 8.31 -14.43
C VAL B 18 1.02 8.86 -13.79
N LYS B 19 1.04 10.15 -13.49
CA LYS B 19 2.18 10.74 -12.82
C LYS B 19 1.73 11.29 -11.48
N MET B 20 2.21 10.68 -10.41
CA MET B 20 1.79 11.06 -9.10
C MET B 20 2.84 11.90 -8.40
N SER B 21 2.38 12.89 -7.64
CA SER B 21 3.24 13.87 -7.03
C SER B 21 3.36 13.65 -5.53
N CYS B 22 4.47 14.09 -4.95
CA CYS B 22 4.71 14.05 -3.51
C CYS B 22 5.42 15.34 -3.19
N LYS B 23 4.69 16.30 -2.64
CA LYS B 23 5.24 17.64 -2.41
C LYS B 23 5.75 17.74 -0.97
N ALA B 24 7.03 18.02 -0.81
CA ALA B 24 7.70 18.04 0.50
C ALA B 24 7.76 19.45 1.01
N SER B 25 7.67 19.63 2.32
CA SER B 25 7.89 20.92 2.92
C SER B 25 8.50 20.76 4.31
N GLY B 26 9.10 21.83 4.81
CA GLY B 26 9.57 21.85 6.18
C GLY B 26 10.99 21.40 6.38
N TYR B 27 11.73 21.20 5.27
CA TYR B 27 13.13 20.84 5.37
C TYR B 27 13.84 21.10 4.08
N THR B 28 15.16 20.90 4.06
CA THR B 28 15.96 21.11 2.85
C THR B 28 15.79 19.92 1.92
N PHE B 29 15.06 20.13 0.83
CA PHE B 29 14.63 19.07 -0.05
C PHE B 29 15.78 18.19 -0.56
N THR B 30 16.89 18.81 -0.93
CA THR B 30 17.97 18.06 -1.55
C THR B 30 18.83 17.25 -0.57
N ASP B 31 18.57 17.38 0.73
CA ASP B 31 19.39 16.72 1.74
C ASP B 31 18.96 15.28 2.05
N TYR B 32 17.79 14.86 1.54
CA TYR B 32 17.24 13.56 1.91
C TYR B 32 16.70 12.75 0.74
N TRP B 33 17.00 11.45 0.75
CA TRP B 33 16.36 10.53 -0.20
C TRP B 33 14.87 10.40 -0.03
N MET B 34 14.16 10.25 -1.15
CA MET B 34 12.72 10.01 -1.21
C MET B 34 12.52 8.55 -1.74
N HIS B 35 11.46 7.90 -1.27
CA HIS B 35 11.19 6.53 -1.56
C HIS B 35 9.75 6.35 -1.97
N TRP B 36 9.50 5.34 -2.79
CA TRP B 36 8.13 4.98 -3.20
C TRP B 36 7.81 3.55 -2.88
N VAL B 37 6.65 3.35 -2.25
CA VAL B 37 6.27 2.06 -1.73
C VAL B 37 4.84 1.74 -2.21
N LYS B 38 4.65 0.52 -2.71
CA LYS B 38 3.34 0.06 -3.18
C LYS B 38 2.65 -0.79 -2.13
N GLN B 39 1.33 -0.67 -2.04
CA GLN B 39 0.57 -1.60 -1.20
C GLN B 39 -0.75 -1.97 -1.89
N ARG B 40 -0.86 -3.24 -2.28
CA ARG B 40 -2.08 -3.79 -2.85
C ARG B 40 -3.13 -3.97 -1.75
N PRO B 41 -4.43 -3.85 -2.08
CA PRO B 41 -5.46 -3.94 -1.04
C PRO B 41 -5.36 -5.23 -0.23
N GLY B 42 -5.36 -5.09 1.09
CA GLY B 42 -5.19 -6.23 1.98
C GLY B 42 -3.83 -6.90 1.98
N GLN B 43 -2.86 -6.35 1.24
CA GLN B 43 -1.53 -6.92 1.15
C GLN B 43 -0.44 -6.06 1.84
N GLY B 44 0.81 -6.50 1.75
CA GLY B 44 1.92 -5.87 2.42
C GLY B 44 2.60 -4.76 1.62
N LEU B 45 3.68 -4.25 2.18
CA LEU B 45 4.42 -3.16 1.56
C LEU B 45 5.42 -3.72 0.57
N GLU B 46 5.54 -3.06 -0.58
CA GLU B 46 6.56 -3.43 -1.56
C GLU B 46 7.37 -2.21 -1.99
N TRP B 47 8.70 -2.28 -1.91
CA TRP B 47 9.52 -1.17 -2.35
C TRP B 47 9.50 -1.06 -3.86
N ILE B 48 9.26 0.14 -4.38
CA ILE B 48 9.33 0.37 -5.83
C ILE B 48 10.68 0.91 -6.30
N GLY B 49 11.15 1.95 -5.64
CA GLY B 49 12.35 2.64 -6.04
C GLY B 49 12.53 3.90 -5.21
N SER B 50 13.72 4.47 -5.28
CA SER B 50 14.10 5.57 -4.43
C SER B 50 14.93 6.55 -5.26
N ILE B 51 14.93 7.81 -4.86
CA ILE B 51 15.63 8.83 -5.60
C ILE B 51 16.36 9.81 -4.68
N ASP B 52 17.57 10.21 -5.10
CA ASP B 52 18.30 11.27 -4.42
C ASP B 52 17.99 12.58 -5.15
N PRO B 53 17.23 13.48 -4.51
CA PRO B 53 16.88 14.74 -5.19
C PRO B 53 18.06 15.64 -5.54
N SER B 54 19.23 15.44 -4.91
CA SER B 54 20.36 16.32 -5.21
C SER B 54 20.81 16.23 -6.67
N ASP B 55 20.86 15.02 -7.22
CA ASP B 55 21.28 14.80 -8.62
C ASP B 55 20.35 13.86 -9.39
N SER B 56 19.26 13.46 -8.79
CA SER B 56 18.28 12.55 -9.42
C SER B 56 18.81 11.16 -9.70
N TYR B 57 19.87 10.77 -9.00
CA TYR B 57 20.29 9.38 -8.97
C TYR B 57 19.16 8.52 -8.40
N THR B 58 18.87 7.37 -9.05
CA THR B 58 17.80 6.50 -8.59
C THR B 58 18.26 5.07 -8.37
N SER B 59 17.46 4.34 -7.59
CA SER B 59 17.62 2.91 -7.46
C SER B 59 16.23 2.28 -7.54
N HIS B 60 16.11 1.15 -8.20
CA HIS B 60 14.79 0.52 -8.40
C HIS B 60 14.75 -0.92 -7.96
N ASN B 61 13.60 -1.34 -7.46
CA ASN B 61 13.26 -2.73 -7.41
C ASN B 61 13.30 -3.18 -8.88
N GLU B 62 14.03 -4.26 -9.15
CA GLU B 62 14.21 -4.71 -10.52
C GLU B 62 12.90 -4.85 -11.29
N LYS B 63 11.83 -5.26 -10.60
CA LYS B 63 10.50 -5.43 -11.20
C LYS B 63 9.86 -4.12 -11.71
N PHE B 64 10.35 -3.00 -11.19
CA PHE B 64 9.74 -1.71 -11.54
C PHE B 64 10.60 -0.89 -12.51
N LYS B 65 11.74 -1.42 -12.85
CA LYS B 65 12.66 -0.71 -13.72
C LYS B 65 12.12 -0.86 -15.13
N GLY B 66 11.64 0.24 -15.69
CA GLY B 66 10.97 0.25 -16.99
C GLY B 66 9.49 0.53 -16.84
N LYS B 67 9.01 0.48 -15.60
CA LYS B 67 7.60 0.67 -15.30
C LYS B 67 7.39 1.98 -14.51
N ALA B 68 8.29 2.24 -13.55
CA ALA B 68 8.21 3.44 -12.70
C ALA B 68 9.33 4.39 -12.99
N THR B 69 8.99 5.61 -13.37
CA THR B 69 9.96 6.65 -13.66
C THR B 69 9.92 7.67 -12.54
N LEU B 70 11.04 7.84 -11.87
CA LEU B 70 11.13 8.71 -10.70
C LEU B 70 11.90 9.97 -11.05
N THR B 71 11.31 11.12 -10.71
CA THR B 71 11.98 12.39 -10.96
C THR B 71 11.67 13.34 -9.79
N VAL B 72 12.35 14.47 -9.76
CA VAL B 72 12.02 15.52 -8.80
C VAL B 72 11.98 16.86 -9.50
N ASP B 73 11.28 17.80 -8.91
CA ASP B 73 11.39 19.19 -9.34
C ASP B 73 11.89 19.99 -8.15
N GLU B 74 13.16 20.33 -8.17
CA GLU B 74 13.80 20.96 -7.01
C GLU B 74 13.12 22.29 -6.67
N SER B 75 12.65 22.99 -7.69
CA SER B 75 12.05 24.31 -7.50
C SER B 75 10.77 24.27 -6.67
N SER B 76 9.98 23.22 -6.87
CA SER B 76 8.75 23.04 -6.10
C SER B 76 8.89 22.00 -4.98
N SER B 77 10.12 21.56 -4.70
CA SER B 77 10.35 20.55 -3.68
C SER B 77 9.37 19.38 -3.84
N THR B 78 9.28 18.85 -5.05
CA THR B 78 8.31 17.82 -5.39
C THR B 78 8.97 16.62 -6.04
N ALA B 79 8.61 15.42 -5.56
CA ALA B 79 9.07 14.19 -6.16
C ALA B 79 7.90 13.61 -6.95
N TYR B 80 8.20 13.01 -8.09
CA TYR B 80 7.16 12.43 -8.95
C TYR B 80 7.47 10.97 -9.26
N MET B 81 6.44 10.15 -9.34
CA MET B 81 6.57 8.82 -9.91
C MET B 81 5.54 8.65 -11.01
N GLN B 82 6.03 8.34 -12.21
CA GLN B 82 5.16 8.03 -13.33
C GLN B 82 5.11 6.52 -13.56
N LEU B 83 3.90 5.97 -13.55
CA LEU B 83 3.68 4.56 -13.87
C LEU B 83 3.03 4.47 -15.23
N SER B 84 3.53 3.56 -16.06
CA SER B 84 3.06 3.47 -17.44
C SER B 84 2.39 2.13 -17.72
N SER B 85 1.56 2.10 -18.78
CA SER B 85 0.84 0.90 -19.22
C SER B 85 0.09 0.23 -18.08
N LEU B 86 -0.82 0.96 -17.45
CA LEU B 86 -1.40 0.44 -16.22
C LEU B 86 -2.36 -0.73 -16.47
N THR B 87 -2.34 -1.68 -15.56
CA THR B 87 -3.30 -2.78 -15.53
C THR B 87 -3.91 -2.82 -14.14
N SER B 88 -4.83 -3.75 -13.95
CA SER B 88 -5.46 -3.96 -12.65
C SER B 88 -4.45 -4.34 -11.56
N GLU B 89 -3.32 -4.90 -11.97
CA GLU B 89 -2.24 -5.22 -11.03
C GLU B 89 -1.66 -3.97 -10.38
N ASP B 90 -1.86 -2.82 -11.04
CA ASP B 90 -1.33 -1.55 -10.56
C ASP B 90 -2.32 -0.82 -9.65
N SER B 91 -3.53 -1.36 -9.54
CA SER B 91 -4.49 -0.82 -8.60
C SER B 91 -3.98 -1.02 -7.19
N ALA B 92 -3.66 0.07 -6.52
CA ALA B 92 -3.00 0.00 -5.23
C ALA B 92 -2.88 1.37 -4.61
N VAL B 93 -2.43 1.43 -3.36
CA VAL B 93 -2.05 2.70 -2.77
C VAL B 93 -0.54 2.85 -2.93
N TYR B 94 -0.12 4.03 -3.32
CA TYR B 94 1.30 4.35 -3.50
C TYR B 94 1.71 5.42 -2.51
N PHE B 95 2.63 5.06 -1.62
CA PHE B 95 3.19 6.00 -0.65
C PHE B 95 4.52 6.53 -1.11
N CYS B 96 4.76 7.81 -0.84
CA CYS B 96 6.11 8.33 -0.84
C CYS B 96 6.55 8.47 0.60
N SER B 97 7.87 8.38 0.84
CA SER B 97 8.40 8.52 2.17
C SER B 97 9.79 9.11 2.08
N ARG B 98 10.26 9.62 3.21
CA ARG B 98 11.54 10.28 3.29
C ARG B 98 12.37 9.65 4.41
N SER B 99 13.63 9.37 4.11
CA SER B 99 14.55 8.81 5.12
C SER B 99 15.28 9.93 5.90
N GLY B 100 16.29 9.54 6.69
CA GLY B 100 17.03 10.45 7.55
C GLY B 100 18.27 11.00 6.83
N TYR B 101 19.16 11.65 7.55
CA TYR B 101 20.32 12.20 6.89
C TYR B 101 21.46 11.19 6.95
N GLY B 102 21.65 10.47 5.85
CA GLY B 102 22.66 9.43 5.79
C GLY B 102 22.22 8.21 6.57
N TYR B 103 20.93 8.19 6.91
CA TYR B 103 20.30 7.02 7.56
C TYR B 103 19.02 6.71 6.83
N TYR B 104 18.63 5.45 6.77
CA TYR B 104 17.61 4.98 5.85
C TYR B 104 16.39 4.27 6.46
N ALA B 105 16.03 4.63 7.70
CA ALA B 105 14.69 4.35 8.19
C ALA B 105 13.77 5.39 7.51
N MET B 106 12.56 4.98 7.13
CA MET B 106 11.64 5.87 6.49
C MET B 106 10.88 6.65 7.58
N GLU B 107 11.37 7.87 7.82
CA GLU B 107 10.96 8.70 8.93
C GLU B 107 9.65 9.40 8.72
N TYR B 108 9.42 9.87 7.51
CA TYR B 108 8.15 10.55 7.18
C TYR B 108 7.49 9.89 5.99
N TRP B 109 6.18 9.77 6.07
CA TRP B 109 5.36 9.16 5.02
C TRP B 109 4.25 10.08 4.54
N GLY B 110 4.03 10.08 3.23
CA GLY B 110 2.85 10.75 2.69
C GLY B 110 1.61 9.93 3.06
N GLN B 111 0.43 10.45 2.77
CA GLN B 111 -0.80 9.75 3.08
C GLN B 111 -1.14 8.68 2.05
N GLY B 112 -0.40 8.66 0.94
CA GLY B 112 -0.64 7.67 -0.10
C GLY B 112 -1.62 8.15 -1.18
N THR B 113 -1.32 7.80 -2.42
CA THR B 113 -2.25 8.04 -3.53
C THR B 113 -2.90 6.72 -3.92
N SER B 114 -4.21 6.64 -3.80
CA SER B 114 -4.95 5.43 -4.16
C SER B 114 -5.26 5.39 -5.66
N VAL B 115 -4.62 4.47 -6.39
CA VAL B 115 -4.81 4.39 -7.83
C VAL B 115 -5.77 3.28 -8.20
N THR B 116 -6.82 3.62 -8.95
CA THR B 116 -7.76 2.63 -9.45
C THR B 116 -7.66 2.54 -10.97
N VAL B 117 -7.31 1.37 -11.50
CA VAL B 117 -7.26 1.23 -12.95
C VAL B 117 -8.50 0.55 -13.50
N SER B 118 -9.25 1.29 -14.31
CA SER B 118 -10.54 0.82 -14.79
C SER B 118 -11.01 1.61 -16.01
N SER B 119 -11.72 0.93 -16.91
CA SER B 119 -12.32 1.59 -18.07
C SER B 119 -13.81 1.88 -17.84
N ALA B 120 -14.32 1.57 -16.65
CA ALA B 120 -15.69 1.91 -16.30
C ALA B 120 -15.92 3.42 -16.28
N LYS B 121 -17.14 3.83 -16.65
CA LYS B 121 -17.55 5.23 -16.53
C LYS B 121 -18.34 5.42 -15.23
N THR B 122 -18.50 6.68 -14.83
CA THR B 122 -19.25 7.00 -13.63
C THR B 122 -20.65 6.39 -13.70
N THR B 123 -20.99 5.58 -12.70
CA THR B 123 -22.25 4.84 -12.70
C THR B 123 -22.90 4.85 -11.34
N PRO B 124 -24.13 5.38 -11.27
CA PRO B 124 -24.82 5.42 -9.99
C PRO B 124 -25.19 4.01 -9.55
N PRO B 125 -25.29 3.78 -8.23
CA PRO B 125 -25.62 2.45 -7.74
C PRO B 125 -27.10 2.10 -7.88
N SER B 126 -27.38 0.80 -8.05
CA SER B 126 -28.72 0.28 -7.86
C SER B 126 -28.80 -0.14 -6.40
N VAL B 127 -29.86 0.27 -5.72
CA VAL B 127 -29.97 0.03 -4.29
C VAL B 127 -31.17 -0.88 -4.04
N TYR B 128 -30.90 -2.05 -3.46
CA TYR B 128 -31.94 -3.04 -3.24
C TYR B 128 -32.14 -3.25 -1.73
N PRO B 129 -33.42 -3.19 -1.28
CA PRO B 129 -33.75 -3.46 0.11
C PRO B 129 -33.66 -4.96 0.43
N LEU B 130 -33.02 -5.31 1.54
CA LEU B 130 -32.94 -6.68 1.97
C LEU B 130 -33.82 -6.88 3.20
N ALA B 131 -34.99 -7.48 2.98
CA ALA B 131 -35.93 -7.80 4.03
C ALA B 131 -36.07 -9.32 4.19
N PRO B 132 -36.24 -9.76 5.45
CA PRO B 132 -36.40 -11.20 5.71
C PRO B 132 -37.64 -11.81 5.04
N GLY B 133 -38.83 -11.39 5.47
CA GLY B 133 -40.05 -12.12 5.13
C GLY B 133 -40.03 -13.53 5.66
N GLY B 134 -40.53 -13.71 6.89
CA GLY B 134 -40.64 -15.03 7.49
C GLY B 134 -40.58 -15.05 9.01
N GLY B 135 -40.33 -16.23 9.56
CA GLY B 135 -40.22 -16.40 11.00
C GLY B 135 -38.79 -16.29 11.47
N ALA B 136 -38.43 -15.15 12.03
CA ALA B 136 -37.08 -14.93 12.56
C ALA B 136 -37.08 -14.16 13.88
N THR B 137 -37.00 -14.89 14.99
CA THR B 137 -36.98 -14.27 16.34
C THR B 137 -35.58 -13.74 16.78
N ASN B 138 -35.25 -13.79 18.07
CA ASN B 138 -34.12 -13.05 18.64
C ASN B 138 -34.66 -11.81 19.37
N SER B 139 -35.91 -11.42 19.13
CA SER B 139 -36.36 -10.05 19.37
C SER B 139 -35.57 -9.06 18.50
N MET B 140 -34.71 -9.62 17.65
CA MET B 140 -33.79 -8.84 16.84
C MET B 140 -34.03 -9.25 15.41
N VAL B 141 -34.34 -8.27 14.57
CA VAL B 141 -34.44 -8.49 13.11
C VAL B 141 -33.17 -7.98 12.48
N THR B 142 -32.70 -8.64 11.44
CA THR B 142 -31.59 -8.11 10.63
C THR B 142 -32.11 -7.70 9.25
N LEU B 143 -31.89 -6.43 8.89
CA LEU B 143 -32.25 -5.93 7.58
C LEU B 143 -30.96 -5.57 6.83
N GLY B 144 -31.06 -5.31 5.53
CA GLY B 144 -29.89 -4.96 4.75
C GLY B 144 -30.20 -4.11 3.54
N CYS B 145 -29.15 -3.55 2.96
CA CYS B 145 -29.23 -2.85 1.68
C CYS B 145 -28.10 -3.35 0.79
N LEU B 146 -28.44 -3.70 -0.44
CA LEU B 146 -27.44 -4.12 -1.41
C LEU B 146 -27.18 -2.95 -2.38
N VAL B 147 -25.93 -2.52 -2.43
CA VAL B 147 -25.57 -1.39 -3.28
C VAL B 147 -24.71 -1.90 -4.44
N LYS B 148 -25.35 -2.06 -5.60
CA LYS B 148 -24.76 -2.81 -6.71
C LYS B 148 -24.48 -1.99 -7.95
N GLY B 149 -23.28 -2.18 -8.51
CA GLY B 149 -22.97 -1.71 -9.84
C GLY B 149 -22.69 -0.23 -9.98
N TYR B 150 -21.95 0.33 -9.03
CA TYR B 150 -21.58 1.74 -9.09
C TYR B 150 -20.09 1.94 -9.38
N PHE B 151 -19.75 3.16 -9.76
CA PHE B 151 -18.36 3.54 -10.01
C PHE B 151 -18.26 5.07 -10.10
N PRO B 152 -17.20 5.65 -9.52
CA PRO B 152 -16.16 4.98 -8.75
C PRO B 152 -16.55 4.91 -7.29
N GLU B 153 -15.61 4.55 -6.43
CA GLU B 153 -15.78 4.73 -4.99
C GLU B 153 -15.64 6.21 -4.66
N PRO B 154 -16.21 6.66 -3.54
CA PRO B 154 -16.97 5.86 -2.59
C PRO B 154 -18.48 6.10 -2.66
N VAL B 155 -19.22 5.27 -1.93
CA VAL B 155 -20.60 5.59 -1.56
C VAL B 155 -20.62 5.83 -0.06
N THR B 156 -21.64 6.53 0.42
CA THR B 156 -21.87 6.64 1.85
C THR B 156 -23.20 6.00 2.18
N VAL B 157 -23.21 5.10 3.16
CA VAL B 157 -24.43 4.43 3.57
C VAL B 157 -24.78 4.82 5.02
N THR B 158 -25.98 5.32 5.23
CA THR B 158 -26.50 5.53 6.59
C THR B 158 -27.86 4.85 6.73
N TRP B 159 -28.32 4.74 7.96
CA TRP B 159 -29.64 4.20 8.26
C TRP B 159 -30.46 5.21 9.05
N ASN B 160 -31.66 5.51 8.55
CA ASN B 160 -32.48 6.55 9.15
C ASN B 160 -31.73 7.86 9.34
N SER B 161 -31.10 8.31 8.26
CA SER B 161 -30.34 9.55 8.24
C SER B 161 -29.28 9.66 9.33
N GLY B 162 -28.72 8.51 9.71
CA GLY B 162 -27.66 8.48 10.71
C GLY B 162 -28.16 8.26 12.13
N SER B 163 -29.47 8.27 12.33
CA SER B 163 -30.05 8.09 13.67
C SER B 163 -29.93 6.64 14.14
N LEU B 164 -29.75 5.74 13.18
CA LEU B 164 -29.38 4.35 13.49
C LEU B 164 -27.86 4.20 13.39
N SER B 165 -27.24 3.51 14.35
CA SER B 165 -25.79 3.43 14.33
C SER B 165 -25.23 2.22 15.05
N GLY B 166 -25.85 1.80 16.16
CA GLY B 166 -25.30 0.79 17.06
C GLY B 166 -25.09 -0.60 16.50
N GLY B 167 -26.01 -1.03 15.64
CA GLY B 167 -25.93 -2.37 15.07
C GLY B 167 -25.76 -2.42 13.56
N VAL B 168 -24.94 -1.55 13.00
CA VAL B 168 -24.76 -1.55 11.56
C VAL B 168 -23.41 -2.09 11.15
N HIS B 169 -23.39 -2.95 10.14
CA HIS B 169 -22.15 -3.39 9.51
C HIS B 169 -22.18 -3.05 8.04
N THR B 170 -21.39 -2.06 7.66
CA THR B 170 -21.22 -1.71 6.25
C THR B 170 -19.89 -2.29 5.76
N PHE B 171 -19.98 -3.20 4.79
CA PHE B 171 -18.81 -3.97 4.38
C PHE B 171 -18.04 -3.25 3.28
N PRO B 172 -16.73 -3.47 3.22
CA PRO B 172 -15.90 -2.92 2.14
C PRO B 172 -16.41 -3.34 0.77
N ALA B 173 -16.38 -2.42 -0.20
CA ALA B 173 -16.87 -2.72 -1.54
C ALA B 173 -16.00 -3.78 -2.23
N VAL B 174 -16.61 -4.54 -3.12
CA VAL B 174 -15.92 -5.58 -3.90
C VAL B 174 -16.16 -5.34 -5.40
N LEU B 175 -15.28 -5.88 -6.24
CA LEU B 175 -15.39 -5.73 -7.70
C LEU B 175 -16.32 -6.76 -8.31
N GLN B 176 -17.37 -6.28 -8.97
CA GLN B 176 -18.36 -7.16 -9.54
C GLN B 176 -18.65 -6.71 -10.97
N SER B 177 -18.19 -7.52 -11.91
CA SER B 177 -18.12 -7.11 -13.33
C SER B 177 -16.93 -6.13 -13.35
N ASP B 178 -17.12 -4.98 -13.99
CA ASP B 178 -16.15 -3.90 -13.89
C ASP B 178 -16.65 -2.83 -12.91
N LEU B 179 -17.46 -3.21 -11.94
CA LEU B 179 -18.10 -2.21 -11.08
C LEU B 179 -18.07 -2.64 -9.63
N TYR B 180 -18.44 -1.71 -8.73
CA TYR B 180 -18.38 -1.98 -7.32
C TYR B 180 -19.72 -2.41 -6.76
N THR B 181 -19.67 -3.28 -5.75
CA THR B 181 -20.85 -3.70 -5.03
C THR B 181 -20.51 -3.75 -3.53
N LEU B 182 -21.41 -3.23 -2.71
CA LEU B 182 -21.29 -3.40 -1.28
C LEU B 182 -22.67 -3.67 -0.67
N SER B 183 -22.64 -4.10 0.58
CA SER B 183 -23.86 -4.37 1.31
C SER B 183 -23.72 -3.78 2.70
N SER B 184 -24.86 -3.50 3.32
CA SER B 184 -24.88 -3.05 4.70
C SER B 184 -26.01 -3.76 5.41
N SER B 185 -25.71 -4.28 6.60
CA SER B 185 -26.74 -4.86 7.46
C SER B 185 -26.99 -3.91 8.63
N VAL B 186 -28.20 -3.96 9.17
CA VAL B 186 -28.53 -3.25 10.39
C VAL B 186 -29.36 -4.19 11.26
N THR B 187 -29.03 -4.27 12.54
CA THR B 187 -29.70 -5.16 13.45
C THR B 187 -30.47 -4.31 14.46
N VAL B 188 -31.74 -4.61 14.62
CA VAL B 188 -32.67 -3.70 15.30
C VAL B 188 -33.66 -4.55 16.10
N PRO B 189 -34.22 -3.97 17.19
CA PRO B 189 -35.27 -4.68 17.94
C PRO B 189 -36.51 -4.87 17.06
N SER B 190 -37.18 -6.02 17.20
CA SER B 190 -38.41 -6.27 16.47
C SER B 190 -39.51 -5.24 16.78
N SER B 191 -39.43 -4.55 17.91
CA SER B 191 -40.23 -3.33 18.11
C SER B 191 -39.36 -2.34 17.36
N THR B 192 -39.95 -1.41 16.66
CA THR B 192 -39.22 -0.56 15.68
C THR B 192 -39.17 -1.07 14.23
N TRP B 193 -39.15 -2.39 13.99
CA TRP B 193 -39.41 -2.84 12.60
C TRP B 193 -40.17 -4.09 12.51
N PRO B 194 -41.26 -4.11 11.71
CA PRO B 194 -41.69 -3.02 10.83
C PRO B 194 -42.65 -1.99 11.42
N SER B 195 -42.83 -1.97 12.74
CA SER B 195 -43.73 -1.02 13.41
C SER B 195 -43.47 0.44 13.03
N GLU B 196 -42.18 0.75 12.97
CA GLU B 196 -41.68 2.03 12.50
C GLU B 196 -40.75 1.84 11.29
N THR B 197 -40.45 2.94 10.59
CA THR B 197 -39.68 2.91 9.36
C THR B 197 -38.18 2.66 9.57
N VAL B 198 -37.62 1.78 8.76
CA VAL B 198 -36.17 1.60 8.67
C VAL B 198 -35.77 1.85 7.22
N THR B 199 -34.94 2.87 7.01
CA THR B 199 -34.59 3.30 5.68
C THR B 199 -33.07 3.39 5.58
N CYS B 200 -32.52 2.91 4.47
CA CYS B 200 -31.10 3.09 4.24
C CYS B 200 -30.89 4.21 3.24
N ASN B 201 -29.95 5.09 3.54
CA ASN B 201 -29.70 6.26 2.69
C ASN B 201 -28.35 6.09 2.00
N VAL B 202 -28.35 6.12 0.68
CA VAL B 202 -27.13 5.88 -0.08
C VAL B 202 -26.76 7.08 -0.92
N ALA B 203 -25.59 7.66 -0.62
CA ALA B 203 -25.09 8.79 -1.39
C ALA B 203 -23.95 8.31 -2.28
N HIS B 204 -24.02 8.67 -3.55
CA HIS B 204 -22.92 8.46 -4.49
C HIS B 204 -22.53 9.80 -5.10
N PRO B 205 -21.65 10.55 -4.42
CA PRO B 205 -21.24 11.91 -4.77
C PRO B 205 -20.81 12.08 -6.23
N ALA B 206 -20.12 11.11 -6.79
CA ALA B 206 -19.59 11.22 -8.15
C ALA B 206 -20.70 11.30 -9.19
N SER B 207 -21.81 10.64 -8.92
CA SER B 207 -22.95 10.71 -9.85
C SER B 207 -24.01 11.67 -9.35
N SER B 208 -23.68 12.40 -8.29
CA SER B 208 -24.65 13.28 -7.63
C SER B 208 -25.90 12.47 -7.32
N THR B 209 -25.69 11.31 -6.70
CA THR B 209 -26.79 10.39 -6.41
C THR B 209 -27.07 10.36 -4.92
N LYS B 210 -28.35 10.34 -4.58
CA LYS B 210 -28.79 10.24 -3.20
C LYS B 210 -30.14 9.54 -3.20
N VAL B 211 -30.15 8.31 -2.70
CA VAL B 211 -31.34 7.46 -2.73
C VAL B 211 -31.70 6.98 -1.32
N ASP B 212 -32.98 7.10 -0.96
CA ASP B 212 -33.48 6.50 0.27
C ASP B 212 -34.25 5.23 -0.10
N LYS B 213 -33.98 4.12 0.58
CA LYS B 213 -34.67 2.88 0.32
C LYS B 213 -35.27 2.35 1.61
N LYS B 214 -36.58 2.45 1.70
CA LYS B 214 -37.33 1.93 2.83
C LYS B 214 -37.40 0.41 2.76
N ILE B 215 -37.11 -0.25 3.88
CA ILE B 215 -37.15 -1.71 3.93
C ILE B 215 -38.58 -2.14 4.29
N VAL B 216 -39.21 -2.88 3.39
CA VAL B 216 -40.61 -3.25 3.55
C VAL B 216 -40.71 -4.78 3.59
N PRO B 217 -41.50 -5.34 4.53
CA PRO B 217 -41.63 -6.79 4.59
C PRO B 217 -42.08 -7.39 3.25
N ARG B 218 -41.73 -8.65 3.01
CA ARG B 218 -42.29 -9.43 1.88
C ARG B 218 -42.06 -8.78 0.51
N ASP C 1 18.87 -10.90 -2.96
CA ASP C 1 17.86 -10.18 -2.17
C ASP C 1 17.84 -10.74 -0.74
N ILE C 2 17.85 -9.84 0.22
CA ILE C 2 17.74 -10.23 1.62
C ILE C 2 16.25 -10.46 1.91
N VAL C 3 15.91 -11.67 2.32
CA VAL C 3 14.54 -12.01 2.61
C VAL C 3 14.29 -11.84 4.11
N LEU C 4 13.23 -11.10 4.45
CA LEU C 4 12.87 -10.90 5.85
C LEU C 4 11.64 -11.72 6.17
N THR C 5 11.78 -12.63 7.12
CA THR C 5 10.67 -13.50 7.53
C THR C 5 10.14 -13.07 8.91
N GLN C 6 8.88 -12.69 8.95
CA GLN C 6 8.26 -12.20 10.16
C GLN C 6 7.33 -13.27 10.68
N SER C 7 7.34 -13.48 11.99
CA SER C 7 6.45 -14.44 12.61
C SER C 7 6.04 -13.98 14.02
N PRO C 8 4.85 -14.40 14.45
CA PRO C 8 3.87 -15.09 13.60
C PRO C 8 3.18 -14.11 12.64
N ALA C 9 2.38 -14.63 11.72
CA ALA C 9 1.64 -13.77 10.79
C ALA C 9 0.53 -13.01 11.51
N ILE C 10 -0.02 -13.60 12.55
CA ILE C 10 -1.07 -12.96 13.33
C ILE C 10 -0.82 -13.23 14.79
N LEU C 11 -0.99 -12.22 15.64
CA LEU C 11 -0.80 -12.39 17.07
C LEU C 11 -2.02 -11.84 17.81
N SER C 12 -2.61 -12.68 18.64
CA SER C 12 -3.75 -12.29 19.44
C SER C 12 -3.25 -11.91 20.82
N VAL C 13 -3.70 -10.75 21.32
CA VAL C 13 -3.16 -10.22 22.57
C VAL C 13 -4.27 -9.65 23.44
N SER C 14 -4.06 -9.63 24.75
CA SER C 14 -5.04 -9.07 25.68
C SER C 14 -4.54 -7.71 26.12
N PRO C 15 -5.46 -6.72 26.19
CA PRO C 15 -5.02 -5.35 26.46
C PRO C 15 -4.13 -5.33 27.70
N GLY C 16 -3.01 -4.61 27.62
CA GLY C 16 -2.10 -4.46 28.75
C GLY C 16 -1.02 -5.53 28.80
N GLU C 17 -1.20 -6.60 28.02
CA GLU C 17 -0.22 -7.68 28.02
C GLU C 17 1.02 -7.25 27.22
N ARG C 18 2.15 -7.83 27.61
CA ARG C 18 3.43 -7.54 26.93
C ARG C 18 3.56 -8.51 25.77
N VAL C 19 3.83 -8.00 24.58
CA VAL C 19 3.95 -8.84 23.39
C VAL C 19 5.25 -8.56 22.63
N SER C 20 5.66 -9.56 21.86
CA SER C 20 6.86 -9.49 21.02
C SER C 20 6.58 -10.21 19.71
N PHE C 21 7.24 -9.74 18.65
CA PHE C 21 7.22 -10.45 17.38
C PHE C 21 8.59 -10.37 16.73
N SER C 22 8.84 -11.27 15.78
CA SER C 22 10.20 -11.44 15.34
C SER C 22 10.36 -11.21 13.83
N CYS C 23 11.55 -10.77 13.47
CA CYS C 23 11.92 -10.56 12.07
C CYS C 23 13.27 -11.23 11.86
N ARG C 24 13.34 -12.20 10.96
CA ARG C 24 14.61 -12.79 10.67
C ARG C 24 15.06 -12.65 9.23
N ALA C 25 16.31 -12.23 9.09
CA ALA C 25 16.88 -11.90 7.77
C ALA C 25 17.70 -13.06 7.25
N SER C 26 17.63 -13.28 5.94
CA SER C 26 18.32 -14.41 5.29
C SER C 26 19.83 -14.24 5.25
N GLN C 27 20.31 -13.00 5.39
CA GLN C 27 21.73 -12.69 5.50
C GLN C 27 21.95 -11.72 6.64
N ASN C 28 23.19 -11.64 7.11
CA ASN C 28 23.57 -10.70 8.16
C ASN C 28 23.43 -9.26 7.69
N ILE C 29 22.68 -8.45 8.42
CA ILE C 29 22.49 -7.05 8.05
C ILE C 29 22.90 -6.11 9.15
N GLY C 30 23.68 -6.60 10.11
CA GLY C 30 24.10 -5.78 11.24
C GLY C 30 22.87 -5.30 11.98
N THR C 31 22.75 -3.99 12.18
CA THR C 31 21.57 -3.44 12.86
C THR C 31 20.62 -2.72 11.89
N SER C 32 20.76 -2.96 10.60
CA SER C 32 20.02 -2.21 9.57
C SER C 32 18.59 -2.73 9.35
N ILE C 33 17.83 -2.83 10.44
CA ILE C 33 16.42 -3.16 10.34
C ILE C 33 15.60 -2.09 11.02
N HIS C 34 14.47 -1.76 10.41
CA HIS C 34 13.57 -0.71 10.92
C HIS C 34 12.14 -1.26 10.99
N TRP C 35 11.38 -0.79 11.97
CA TRP C 35 10.02 -1.32 12.19
C TRP C 35 8.95 -0.25 11.96
N TYR C 36 7.87 -0.62 11.27
CA TYR C 36 6.77 0.29 10.97
C TYR C 36 5.44 -0.25 11.48
N GLN C 37 4.59 0.65 11.97
CA GLN C 37 3.25 0.33 12.42
C GLN C 37 2.26 0.90 11.39
N GLN C 38 1.29 0.10 10.99
CA GLN C 38 0.28 0.57 10.07
C GLN C 38 -1.09 0.19 10.56
N ARG C 39 -1.83 1.19 11.01
CA ARG C 39 -3.23 1.00 11.37
C ARG C 39 -4.10 1.01 10.13
N THR C 40 -5.28 0.42 10.26
CA THR C 40 -6.24 0.32 9.15
C THR C 40 -6.46 1.64 8.43
N ASN C 41 -6.30 1.62 7.10
CA ASN C 41 -6.48 2.80 6.27
C ASN C 41 -5.63 4.02 6.68
N GLU C 42 -4.45 3.77 7.20
CA GLU C 42 -3.50 4.82 7.53
C GLU C 42 -2.19 4.55 6.83
N SER C 43 -1.30 5.54 6.82
CA SER C 43 0.06 5.35 6.34
C SER C 43 0.87 4.55 7.36
N PRO C 44 1.94 3.86 6.92
CA PRO C 44 2.86 3.28 7.91
C PRO C 44 3.53 4.40 8.69
N ARG C 45 4.00 4.08 9.88
CA ARG C 45 4.67 5.04 10.75
C ARG C 45 5.88 4.33 11.34
N LEU C 46 7.05 4.98 11.31
CA LEU C 46 8.28 4.46 11.88
C LEU C 46 8.20 4.42 13.41
N ILE C 47 8.54 3.26 13.99
CA ILE C 47 8.43 3.08 15.42
C ILE C 47 9.72 2.73 16.12
N ILE C 48 10.62 2.03 15.42
CA ILE C 48 11.97 1.75 15.91
C ILE C 48 12.87 1.73 14.67
N LYS C 49 14.05 2.33 14.77
CA LYS C 49 15.01 2.32 13.67
C LYS C 49 16.31 1.65 14.13
N TYR C 50 17.04 1.10 13.17
CA TYR C 50 18.32 0.46 13.43
C TYR C 50 18.24 -0.47 14.63
N ALA C 51 17.30 -1.41 14.55
CA ALA C 51 17.12 -2.48 15.52
C ALA C 51 16.58 -2.05 16.88
N SER C 52 17.08 -0.95 17.43
CA SER C 52 16.81 -0.67 18.83
C SER C 52 16.64 0.79 19.18
N GLU C 53 16.76 1.65 18.18
CA GLU C 53 16.76 3.09 18.47
C GLU C 53 15.37 3.66 18.50
N SER C 54 15.06 4.41 19.55
CA SER C 54 13.72 4.99 19.67
C SER C 54 13.53 6.18 18.74
N ILE C 55 12.27 6.51 18.51
CA ILE C 55 11.83 7.56 17.59
C ILE C 55 11.07 8.63 18.31
N SER C 56 11.33 9.90 17.97
CA SER C 56 10.63 11.01 18.66
C SER C 56 9.10 10.88 18.50
N GLY C 57 8.42 10.98 19.63
CA GLY C 57 6.96 10.96 19.65
C GLY C 57 6.32 9.60 19.61
N ILE C 58 7.15 8.55 19.66
CA ILE C 58 6.65 7.19 19.76
C ILE C 58 6.69 6.77 21.23
N PRO C 59 5.61 6.12 21.72
CA PRO C 59 5.54 5.73 23.15
C PRO C 59 6.70 4.81 23.57
N SER C 60 7.22 5.05 24.76
CA SER C 60 8.37 4.33 25.29
C SER C 60 8.05 2.84 25.47
N ARG C 61 6.78 2.46 25.39
CA ARG C 61 6.43 1.07 25.52
C ARG C 61 6.98 0.24 24.35
N PHE C 62 7.31 0.90 23.24
CA PHE C 62 7.95 0.20 22.11
C PHE C 62 9.47 0.06 22.26
N SER C 63 9.98 -1.15 22.04
CA SER C 63 11.41 -1.34 22.02
C SER C 63 11.81 -2.41 21.01
N GLY C 64 13.07 -2.41 20.61
CA GLY C 64 13.57 -3.45 19.72
C GLY C 64 14.93 -3.92 20.14
N SER C 65 15.26 -5.15 19.78
CA SER C 65 16.62 -5.66 20.00
C SER C 65 17.06 -6.52 18.85
N GLY C 66 18.35 -6.84 18.86
CA GLY C 66 18.91 -7.76 17.88
C GLY C 66 20.00 -7.16 17.02
N SER C 67 20.83 -8.04 16.47
CA SER C 67 21.92 -7.64 15.60
C SER C 67 22.37 -8.84 14.78
N GLY C 68 22.44 -8.69 13.47
CA GLY C 68 22.84 -9.79 12.61
C GLY C 68 21.67 -10.22 11.75
N THR C 69 20.94 -11.25 12.21
CA THR C 69 19.84 -11.81 11.44
C THR C 69 18.55 -11.93 12.24
N ASP C 70 18.64 -11.94 13.57
CA ASP C 70 17.44 -12.20 14.39
C ASP C 70 17.01 -10.96 15.18
N PHE C 71 15.85 -10.43 14.83
CA PHE C 71 15.38 -9.18 15.42
C PHE C 71 14.02 -9.34 16.08
N THR C 72 13.78 -8.55 17.10
CA THR C 72 12.52 -8.63 17.85
C THR C 72 11.99 -7.23 18.14
N LEU C 73 10.69 -7.03 17.93
CA LEU C 73 10.04 -5.81 18.39
C LEU C 73 9.18 -6.20 19.57
N SER C 74 9.22 -5.41 20.65
CA SER C 74 8.40 -5.72 21.83
C SER C 74 7.51 -4.54 22.19
N ILE C 75 6.30 -4.83 22.65
CA ILE C 75 5.43 -3.81 23.19
C ILE C 75 5.17 -4.12 24.66
N ASN C 76 5.62 -3.24 25.54
CA ASN C 76 5.57 -3.51 26.97
C ASN C 76 4.16 -3.78 27.47
N SER C 77 3.21 -2.98 27.04
CA SER C 77 1.83 -3.11 27.49
C SER C 77 0.94 -2.52 26.45
N VAL C 78 0.22 -3.37 25.74
CA VAL C 78 -0.48 -2.84 24.52
C VAL C 78 -1.72 -1.91 24.75
N GLU C 79 -1.60 -0.56 24.51
CA GLU C 79 -2.79 0.37 24.43
C GLU C 79 -3.61 -0.22 23.23
N SER C 80 -4.89 0.07 23.13
CA SER C 80 -5.62 -0.50 22.02
C SER C 80 -5.28 0.15 20.69
N GLU C 81 -4.61 1.30 20.74
CA GLU C 81 -4.21 1.98 19.52
C GLU C 81 -3.06 1.26 18.82
N ASP C 82 -2.49 0.27 19.50
CA ASP C 82 -1.40 -0.55 18.96
C ASP C 82 -1.91 -1.66 18.04
N ILE C 83 -3.22 -1.88 18.00
CA ILE C 83 -3.77 -2.89 17.11
C ILE C 83 -3.58 -2.43 15.69
N ALA C 84 -2.82 -3.20 14.90
CA ALA C 84 -2.28 -2.72 13.64
C ALA C 84 -1.44 -3.81 13.00
N ASP C 85 -0.98 -3.57 11.77
CA ASP C 85 0.02 -4.45 11.16
C ASP C 85 1.38 -3.87 11.40
N TYR C 86 2.39 -4.75 11.59
CA TYR C 86 3.75 -4.33 11.86
C TYR C 86 4.69 -4.93 10.82
N TYR C 87 5.52 -4.10 10.20
CA TYR C 87 6.44 -4.54 9.14
C TYR C 87 7.87 -4.22 9.52
N CYS C 88 8.80 -5.12 9.21
CA CYS C 88 10.22 -4.79 9.30
C CYS C 88 10.73 -4.55 7.89
N GLN C 89 11.86 -3.85 7.80
CA GLN C 89 12.43 -3.44 6.54
C GLN C 89 13.94 -3.35 6.71
N GLN C 90 14.70 -3.80 5.73
CA GLN C 90 16.16 -3.62 5.81
C GLN C 90 16.67 -2.61 4.81
N SER C 91 17.72 -1.90 5.19
CA SER C 91 18.32 -0.85 4.37
C SER C 91 19.81 -1.04 4.25
N ASN C 92 20.28 -2.25 4.50
CA ASN C 92 21.73 -2.51 4.41
C ASN C 92 22.23 -2.46 2.97
N THR C 93 21.52 -3.13 2.07
CA THR C 93 21.89 -3.20 0.65
C THR C 93 20.65 -3.22 -0.26
N TRP C 94 20.82 -2.92 -1.54
CA TRP C 94 19.73 -2.97 -2.50
C TRP C 94 19.46 -4.44 -2.87
N PRO C 95 18.20 -4.78 -3.15
CA PRO C 95 17.06 -3.88 -3.03
C PRO C 95 16.61 -3.79 -1.57
N TYR C 96 15.99 -2.68 -1.17
CA TYR C 96 15.31 -2.65 0.11
C TYR C 96 14.29 -3.79 0.09
N THR C 97 14.12 -4.47 1.22
CA THR C 97 13.10 -5.48 1.33
C THR C 97 12.32 -5.29 2.62
N PHE C 98 11.09 -5.76 2.58
CA PHE C 98 10.19 -5.69 3.71
C PHE C 98 9.79 -7.10 4.13
N GLY C 99 9.58 -7.29 5.43
CA GLY C 99 8.92 -8.50 5.90
C GLY C 99 7.49 -8.56 5.44
N GLY C 100 6.88 -9.73 5.55
CA GLY C 100 5.49 -9.93 5.13
C GLY C 100 4.47 -9.41 6.11
N GLY C 101 4.92 -8.97 7.27
CA GLY C 101 4.05 -8.33 8.25
C GLY C 101 3.52 -9.25 9.33
N THR C 102 3.27 -8.66 10.51
CA THR C 102 2.58 -9.35 11.60
C THR C 102 1.39 -8.50 12.00
N LYS C 103 0.21 -9.12 11.99
CA LYS C 103 -1.03 -8.46 12.38
C LYS C 103 -1.31 -8.69 13.85
N LEU C 104 -1.57 -7.60 14.57
CA LEU C 104 -2.00 -7.67 15.98
C LEU C 104 -3.51 -7.60 16.02
N GLU C 105 -4.09 -8.46 16.84
CA GLU C 105 -5.55 -8.47 17.04
C GLU C 105 -5.84 -8.64 18.53
N LEU C 106 -7.01 -8.18 18.99
CA LEU C 106 -7.44 -8.35 20.36
C LEU C 106 -8.04 -9.73 20.58
N LYS C 107 -7.59 -10.40 21.65
CA LYS C 107 -8.11 -11.69 22.08
C LYS C 107 -9.43 -11.47 22.81
N ARG C 108 -10.44 -12.24 22.42
CA ARG C 108 -11.72 -12.24 23.14
C ARG C 108 -12.28 -13.66 23.16
N ALA C 109 -13.38 -13.85 23.86
CA ALA C 109 -14.04 -15.15 23.89
C ALA C 109 -14.54 -15.50 22.49
N ASP C 110 -14.47 -16.78 22.15
CA ASP C 110 -15.03 -17.26 20.90
C ASP C 110 -16.52 -16.92 20.83
N ALA C 111 -16.99 -16.56 19.63
CA ALA C 111 -18.39 -16.22 19.43
C ALA C 111 -18.85 -16.71 18.06
N ALA C 112 -19.92 -17.48 18.04
CA ALA C 112 -20.47 -17.99 16.80
C ALA C 112 -21.11 -16.85 16.03
N PRO C 113 -21.14 -16.95 14.68
CA PRO C 113 -21.73 -15.89 13.86
C PRO C 113 -23.24 -15.88 13.96
N THR C 114 -23.84 -14.69 13.97
CA THR C 114 -25.27 -14.55 13.75
C THR C 114 -25.49 -14.49 12.24
N VAL C 115 -26.19 -15.48 11.70
CA VAL C 115 -26.32 -15.65 10.26
C VAL C 115 -27.72 -15.29 9.76
N SER C 116 -27.76 -14.45 8.72
CA SER C 116 -29.03 -14.05 8.11
C SER C 116 -28.94 -14.20 6.60
N ILE C 117 -29.95 -14.84 6.00
CA ILE C 117 -29.98 -15.00 4.55
C ILE C 117 -31.13 -14.18 3.97
N PHE C 118 -30.89 -13.58 2.82
CA PHE C 118 -31.87 -12.75 2.14
C PHE C 118 -32.04 -13.14 0.67
N PRO C 119 -33.31 -13.33 0.24
CA PRO C 119 -33.60 -13.59 -1.16
C PRO C 119 -33.51 -12.30 -1.96
N PRO C 120 -33.43 -12.40 -3.29
CA PRO C 120 -33.44 -11.22 -4.16
C PRO C 120 -34.69 -10.37 -3.92
N SER C 121 -34.53 -9.05 -3.95
CA SER C 121 -35.66 -8.15 -3.85
C SER C 121 -36.51 -8.27 -5.11
N SER C 122 -37.79 -7.91 -5.01
CA SER C 122 -38.64 -7.82 -6.19
C SER C 122 -38.05 -6.78 -7.14
N GLU C 123 -37.53 -5.71 -6.55
CA GLU C 123 -36.91 -4.67 -7.38
C GLU C 123 -35.82 -5.22 -8.26
N GLN C 124 -34.88 -5.99 -7.70
CA GLN C 124 -33.81 -6.56 -8.50
C GLN C 124 -34.33 -7.58 -9.50
N LEU C 125 -35.29 -8.39 -9.07
CA LEU C 125 -35.86 -9.42 -9.94
C LEU C 125 -36.52 -8.78 -11.15
N THR C 126 -37.06 -7.59 -10.97
CA THR C 126 -37.69 -6.85 -12.06
C THR C 126 -36.69 -6.50 -13.16
N SER C 127 -35.42 -6.36 -12.80
CA SER C 127 -34.39 -6.00 -13.77
C SER C 127 -33.67 -7.22 -14.34
N GLY C 128 -34.14 -8.40 -13.97
CA GLY C 128 -33.57 -9.63 -14.48
C GLY C 128 -32.39 -10.13 -13.67
N GLY C 129 -32.18 -9.52 -12.51
CA GLY C 129 -31.06 -9.88 -11.66
C GLY C 129 -31.51 -10.60 -10.41
N ALA C 130 -30.63 -11.42 -9.84
CA ALA C 130 -30.93 -12.14 -8.63
C ALA C 130 -29.69 -12.31 -7.75
N SER C 131 -29.61 -11.53 -6.69
CA SER C 131 -28.52 -11.67 -5.73
C SER C 131 -29.04 -12.19 -4.40
N VAL C 132 -28.46 -13.29 -3.94
CA VAL C 132 -28.81 -13.87 -2.66
C VAL C 132 -27.75 -13.45 -1.66
N VAL C 133 -28.16 -12.81 -0.56
CA VAL C 133 -27.20 -12.27 0.38
C VAL C 133 -27.21 -13.04 1.70
N CYS C 134 -26.01 -13.24 2.24
CA CYS C 134 -25.84 -13.88 3.52
C CYS C 134 -24.93 -13.01 4.37
N PHE C 135 -25.43 -12.61 5.55
CA PHE C 135 -24.61 -11.88 6.50
C PHE C 135 -24.21 -12.84 7.61
N LEU C 136 -22.92 -12.83 7.94
CA LEU C 136 -22.43 -13.61 9.08
C LEU C 136 -21.80 -12.62 10.04
N ASN C 137 -22.56 -12.26 11.08
CA ASN C 137 -22.19 -11.10 11.88
C ASN C 137 -21.67 -11.42 13.30
N ASN C 138 -20.72 -10.61 13.75
CA ASN C 138 -20.19 -10.64 15.11
C ASN C 138 -19.69 -11.99 15.60
N PHE C 139 -18.79 -12.59 14.83
CA PHE C 139 -18.17 -13.86 15.20
C PHE C 139 -16.70 -13.65 15.60
N TYR C 140 -16.14 -14.64 16.31
CA TYR C 140 -14.72 -14.67 16.65
C TYR C 140 -14.31 -16.12 16.95
N PRO C 141 -13.13 -16.55 16.52
CA PRO C 141 -12.09 -15.81 15.81
C PRO C 141 -12.40 -15.55 14.34
N LYS C 142 -11.49 -14.85 13.66
CA LYS C 142 -11.68 -14.37 12.30
C LYS C 142 -11.88 -15.44 11.24
N ASP C 143 -11.21 -16.57 11.40
CA ASP C 143 -11.25 -17.63 10.40
C ASP C 143 -12.67 -18.16 10.20
N ILE C 144 -13.10 -18.27 8.95
CA ILE C 144 -14.46 -18.72 8.64
C ILE C 144 -14.59 -19.10 7.17
N ASN C 145 -15.27 -20.21 6.90
CA ASN C 145 -15.53 -20.62 5.53
C ASN C 145 -17.01 -20.64 5.22
N VAL C 146 -17.36 -20.13 4.04
CA VAL C 146 -18.73 -20.10 3.60
C VAL C 146 -18.88 -20.95 2.34
N LYS C 147 -19.91 -21.78 2.32
CA LYS C 147 -20.28 -22.53 1.13
C LYS C 147 -21.74 -22.27 0.78
N TRP C 148 -21.99 -22.18 -0.51
CA TRP C 148 -23.36 -22.04 -1.03
C TRP C 148 -23.83 -23.37 -1.60
N LYS C 149 -25.12 -23.65 -1.41
CA LYS C 149 -25.76 -24.81 -2.01
C LYS C 149 -27.08 -24.42 -2.66
N ILE C 150 -27.36 -25.04 -3.80
CA ILE C 150 -28.62 -24.83 -4.50
C ILE C 150 -29.28 -26.18 -4.72
N ASP C 151 -30.45 -26.38 -4.12
CA ASP C 151 -31.14 -27.66 -4.19
C ASP C 151 -30.19 -28.80 -3.80
N GLY C 152 -29.33 -28.54 -2.82
CA GLY C 152 -28.45 -29.55 -2.28
C GLY C 152 -27.06 -29.62 -2.88
N SER C 153 -26.88 -29.02 -4.06
CA SER C 153 -25.61 -29.09 -4.77
C SER C 153 -24.75 -27.86 -4.48
N GLU C 154 -23.50 -28.09 -4.11
CA GLU C 154 -22.58 -27.00 -3.81
C GLU C 154 -22.28 -26.13 -5.04
N ARG C 155 -21.90 -24.88 -4.80
CA ARG C 155 -21.62 -23.93 -5.90
C ARG C 155 -20.52 -22.93 -5.55
N GLN C 156 -19.55 -22.75 -6.46
CA GLN C 156 -18.44 -21.85 -6.19
C GLN C 156 -18.25 -20.85 -7.32
N ASN C 157 -19.37 -20.42 -7.90
CA ASN C 157 -19.32 -19.47 -9.02
C ASN C 157 -20.37 -18.37 -8.88
N GLY C 158 -19.97 -17.11 -9.06
CA GLY C 158 -20.85 -15.99 -8.82
C GLY C 158 -20.96 -15.59 -7.35
N VAL C 159 -19.96 -15.99 -6.58
CA VAL C 159 -19.92 -15.71 -5.15
C VAL C 159 -18.86 -14.64 -4.85
N LEU C 160 -19.33 -13.51 -4.31
CA LEU C 160 -18.41 -12.48 -3.84
C LEU C 160 -18.52 -12.26 -2.34
N ASN C 161 -17.37 -12.28 -1.68
CA ASN C 161 -17.26 -12.17 -0.24
C ASN C 161 -16.60 -10.86 0.20
N SER C 162 -16.96 -10.38 1.39
CA SER C 162 -16.36 -9.16 1.93
C SER C 162 -16.27 -9.24 3.44
N GLU C 163 -15.16 -8.79 3.99
CA GLU C 163 -14.93 -8.86 5.44
C GLU C 163 -14.74 -7.49 6.07
N THR C 164 -15.26 -7.33 7.28
CA THR C 164 -14.97 -6.12 8.05
C THR C 164 -13.68 -6.33 8.85
N ASP C 165 -13.14 -5.22 9.33
CA ASP C 165 -12.02 -5.24 10.25
C ASP C 165 -12.56 -5.57 11.64
N GLN C 166 -11.69 -5.93 12.56
CA GLN C 166 -12.12 -6.24 13.91
C GLN C 166 -12.89 -5.06 14.50
N ASP C 167 -14.05 -5.34 15.10
CA ASP C 167 -14.86 -4.29 15.70
C ASP C 167 -14.15 -3.60 16.85
N SER C 168 -14.17 -2.27 16.84
CA SER C 168 -13.45 -1.50 17.86
C SER C 168 -14.07 -1.67 19.26
N LYS C 169 -15.37 -1.92 19.33
CA LYS C 169 -16.07 -2.08 20.61
C LYS C 169 -16.07 -3.52 21.14
N ASP C 170 -16.59 -4.45 20.38
CA ASP C 170 -16.71 -5.83 20.89
C ASP C 170 -15.67 -6.81 20.36
N SER C 171 -14.73 -6.32 19.56
CA SER C 171 -13.64 -7.15 19.04
C SER C 171 -14.08 -8.32 18.16
N THR C 172 -15.29 -8.26 17.61
CA THR C 172 -15.75 -9.33 16.75
C THR C 172 -15.49 -9.03 15.26
N TYR C 173 -15.74 -10.01 14.41
CA TYR C 173 -15.59 -9.89 12.96
C TYR C 173 -16.92 -10.17 12.28
N SER C 174 -17.11 -9.56 11.11
CA SER C 174 -18.32 -9.80 10.31
C SER C 174 -17.96 -10.08 8.86
N MET C 175 -18.80 -10.86 8.18
CA MET C 175 -18.57 -11.16 6.79
C MET C 175 -19.87 -11.09 5.99
N SER C 176 -19.73 -10.72 4.72
CA SER C 176 -20.84 -10.65 3.80
C SER C 176 -20.55 -11.53 2.61
N SER C 177 -21.52 -12.36 2.24
CA SER C 177 -21.35 -13.25 1.09
C SER C 177 -22.56 -13.13 0.17
N THR C 178 -22.31 -12.85 -1.11
CA THR C 178 -23.40 -12.64 -2.06
C THR C 178 -23.25 -13.54 -3.27
N LEU C 179 -24.29 -14.34 -3.52
CA LEU C 179 -24.36 -15.20 -4.69
C LEU C 179 -25.22 -14.51 -5.74
N THR C 180 -24.63 -14.17 -6.88
CA THR C 180 -25.40 -13.48 -7.91
C THR C 180 -25.67 -14.41 -9.09
N LEU C 181 -26.93 -14.47 -9.49
CA LEU C 181 -27.36 -15.33 -10.59
C LEU C 181 -28.18 -14.51 -11.54
N THR C 182 -28.37 -15.03 -12.75
CA THR C 182 -29.36 -14.47 -13.66
C THR C 182 -30.74 -14.80 -13.11
N LYS C 183 -31.71 -13.92 -13.33
CA LYS C 183 -33.06 -14.15 -12.87
C LYS C 183 -33.60 -15.48 -13.44
N ASP C 184 -33.21 -15.80 -14.66
CA ASP C 184 -33.68 -17.05 -15.26
C ASP C 184 -33.05 -18.26 -14.60
N GLU C 185 -31.73 -18.26 -14.42
CA GLU C 185 -31.03 -19.30 -13.69
C GLU C 185 -31.60 -19.49 -12.28
N TYR C 186 -31.87 -18.39 -11.60
CA TYR C 186 -32.41 -18.40 -10.27
C TYR C 186 -33.76 -19.09 -10.15
N GLU C 187 -34.61 -18.94 -11.16
CA GLU C 187 -35.94 -19.55 -11.18
C GLU C 187 -35.90 -21.05 -11.43
N ARG C 188 -34.79 -21.55 -11.96
CA ARG C 188 -34.63 -22.97 -12.22
C ARG C 188 -34.40 -23.79 -10.95
N HIS C 189 -34.36 -23.12 -9.80
CA HIS C 189 -34.18 -23.82 -8.54
C HIS C 189 -35.05 -23.27 -7.41
N ASN C 190 -35.14 -23.99 -6.31
CA ASN C 190 -36.11 -23.67 -5.26
C ASN C 190 -35.48 -23.32 -3.91
N THR C 191 -34.51 -24.13 -3.51
CA THR C 191 -33.87 -23.99 -2.20
C THR C 191 -32.45 -23.43 -2.27
N TYR C 192 -32.20 -22.39 -1.48
CA TYR C 192 -30.90 -21.73 -1.46
C TYR C 192 -30.33 -21.69 -0.05
N THR C 193 -29.09 -22.16 0.10
CA THR C 193 -28.48 -22.29 1.41
C THR C 193 -27.10 -21.66 1.53
N CYS C 194 -26.94 -20.83 2.56
CA CYS C 194 -25.64 -20.29 2.96
C CYS C 194 -25.13 -21.17 4.12
N GLU C 195 -23.90 -21.64 4.02
CA GLU C 195 -23.40 -22.61 4.99
C GLU C 195 -22.06 -22.20 5.61
N ALA C 196 -22.08 -21.88 6.90
CA ALA C 196 -20.93 -21.34 7.61
C ALA C 196 -20.21 -22.39 8.48
N THR C 197 -18.93 -22.62 8.15
CA THR C 197 -18.07 -23.44 8.99
C THR C 197 -17.13 -22.56 9.82
N HIS C 198 -17.28 -22.64 11.13
CA HIS C 198 -16.54 -21.80 12.07
C HIS C 198 -16.00 -22.70 13.16
N LYS C 199 -15.03 -22.23 13.93
CA LYS C 199 -14.46 -23.03 15.00
C LYS C 199 -15.49 -23.33 16.10
N THR C 200 -16.40 -22.39 16.33
CA THR C 200 -17.31 -22.47 17.48
C THR C 200 -18.18 -23.73 17.49
N SER C 201 -18.23 -24.46 16.38
CA SER C 201 -19.01 -25.70 16.32
C SER C 201 -18.53 -26.58 15.17
N THR C 202 -18.41 -27.88 15.40
CA THR C 202 -18.03 -28.81 14.35
C THR C 202 -19.19 -29.02 13.38
N SER C 203 -20.40 -28.69 13.80
CA SER C 203 -21.59 -28.72 12.94
C SER C 203 -21.79 -27.35 12.27
N PRO C 204 -21.63 -27.32 10.93
CA PRO C 204 -21.84 -26.09 10.18
C PRO C 204 -23.22 -25.48 10.37
N ILE C 205 -23.25 -24.16 10.49
CA ILE C 205 -24.50 -23.45 10.64
C ILE C 205 -25.13 -23.23 9.28
N VAL C 206 -26.34 -23.69 9.11
CA VAL C 206 -27.01 -23.63 7.81
C VAL C 206 -28.20 -22.68 7.88
N LYS C 207 -28.21 -21.68 6.98
CA LYS C 207 -29.35 -20.81 6.82
C LYS C 207 -29.83 -20.96 5.39
N SER C 208 -31.14 -21.13 5.20
CA SER C 208 -31.67 -21.39 3.88
C SER C 208 -33.11 -20.95 3.69
N PHE C 209 -33.54 -20.87 2.44
CA PHE C 209 -34.92 -20.50 2.14
C PHE C 209 -35.40 -21.18 0.85
N ASN C 210 -36.70 -21.52 0.84
CA ASN C 210 -37.31 -22.18 -0.29
C ASN C 210 -38.28 -21.25 -1.01
N ARG C 211 -38.09 -21.10 -2.31
CA ARG C 211 -38.93 -20.21 -3.11
C ARG C 211 -40.40 -20.63 -3.09
N ASN C 212 -40.65 -21.93 -3.15
CA ASN C 212 -42.02 -22.46 -3.19
C ASN C 212 -42.87 -21.95 -2.01
N GLU C 213 -42.18 -21.53 -0.96
CA GLU C 213 -42.86 -21.11 0.27
C GLU C 213 -43.06 -19.60 0.22
C1 Z80 D . 45.02 9.61 -26.44
N1 Z80 D . 44.60 9.07 -25.27
S1 Z80 D . 46.71 11.07 -24.79
C2 Z80 D . 46.02 10.60 -26.39
N2 Z80 D . 41.54 5.43 -26.09
C3 Z80 D . 45.27 10.87 -23.85
C4 Z80 D . 44.35 9.89 -24.23
C5 Z80 D . 44.92 9.83 -28.84
C6 Z80 D . 45.91 10.81 -28.79
C7 Z80 D . 46.46 11.19 -27.56
C8 Z80 D . 45.00 11.69 -22.75
C9 Z80 D . 43.83 11.53 -22.02
C10 Z80 D . 42.94 10.54 -22.39
C11 Z80 D . 43.20 9.74 -23.47
C12 Z80 D . 44.41 7.59 -25.01
C13 Z80 D . 42.96 7.25 -25.27
C14 Z80 D . 42.91 5.97 -26.07
C15 Z80 D . 41.13 4.96 -24.76
C16 Z80 D . 40.57 6.43 -26.60
CL1 Z80 D . 41.52 10.26 -21.58
C17 Z80 D . 44.47 9.23 -27.66
#